data_8JUG
#
_entry.id   8JUG
#
_cell.length_a   76.060
_cell.length_b   76.060
_cell.length_c   61.890
_cell.angle_alpha   90.00
_cell.angle_beta   90.00
_cell.angle_gamma   90.00
#
_symmetry.space_group_name_H-M   'I 4'
#
loop_
_entity.id
_entity.type
_entity.pdbx_description
1 polymer Matrilysin
2 polymer 'Peptide Inhibitor'
3 non-polymer 'CALCIUM ION'
4 non-polymer 'ZINC ION'
5 water water
#
loop_
_entity_poly.entity_id
_entity_poly.type
_entity_poly.pdbx_seq_one_letter_code
_entity_poly.pdbx_strand_id
1 'polypeptide(L)'
;MGYSLFPNSPKWTSKVVTYRIVSYTRDLPHITVDRLVSKALNMWGKEIPLHFRKVVWGTADIMIGFARGAHGDSYPFDGP
GNTLAHAFAPGTGLGGDAHFDEDERWTDGSSLGINFLYAATHQLGHSLGMGHSSDPNAVMYPTYGNGDPQNFKLSQDDIK
GIQKLYGKRSNSRKK
;
A
2 'polypeptide(L)' (7SF)(GGL)G(V1C)(TBG)(EOE)(NH2) C
#
# COMPACT_ATOMS: atom_id res chain seq x y z
N GLY A 2 1.58 0.14 -20.29
CA GLY A 2 1.84 0.92 -19.04
C GLY A 2 0.91 0.49 -17.90
N TYR A 3 0.40 1.47 -17.18
CA TYR A 3 -0.39 1.28 -15.93
C TYR A 3 -1.64 0.45 -16.17
N SER A 4 -2.12 -0.19 -15.11
CA SER A 4 -3.45 -0.86 -15.00
C SER A 4 -4.19 -0.21 -13.85
N LEU A 5 -5.50 -0.15 -13.95
CA LEU A 5 -6.43 0.02 -12.80
C LEU A 5 -6.97 -1.36 -12.41
N PHE A 6 -8.13 -1.39 -11.76
CA PHE A 6 -8.93 -2.61 -11.53
C PHE A 6 -10.16 -2.57 -12.41
N PRO A 7 -10.75 -3.72 -12.75
CA PRO A 7 -12.02 -3.71 -13.50
C PRO A 7 -13.06 -2.79 -12.85
N ASN A 8 -13.66 -1.91 -13.68
CA ASN A 8 -14.72 -0.96 -13.32
C ASN A 8 -14.16 0.14 -12.41
N SER A 9 -12.84 0.31 -12.37
CA SER A 9 -12.19 1.50 -11.75
C SER A 9 -12.74 1.75 -10.37
N PRO A 10 -12.65 0.78 -9.43
CA PRO A 10 -12.93 1.07 -8.04
C PRO A 10 -11.97 2.16 -7.55
N LYS A 11 -12.53 3.04 -6.75
CA LYS A 11 -11.83 4.19 -6.20
C LYS A 11 -12.56 4.64 -4.94
N TRP A 12 -11.82 5.33 -4.07
CA TRP A 12 -12.42 5.97 -2.89
C TRP A 12 -13.40 7.04 -3.39
N THR A 13 -14.59 7.08 -2.79
CA THR A 13 -15.65 8.03 -3.22
C THR A 13 -15.67 9.28 -2.37
N SER A 14 -14.93 9.35 -1.28
CA SER A 14 -14.77 10.61 -0.51
C SER A 14 -13.42 11.24 -0.81
N LYS A 15 -13.33 12.55 -0.58
CA LYS A 15 -12.07 13.32 -0.69
C LYS A 15 -11.13 13.02 0.47
N VAL A 16 -11.64 12.51 1.60
CA VAL A 16 -10.81 12.09 2.76
C VAL A 16 -10.87 10.58 2.90
N VAL A 17 -9.70 9.95 2.99
CA VAL A 17 -9.55 8.49 3.20
C VAL A 17 -8.83 8.28 4.52
N THR A 18 -9.42 7.52 5.43
CA THR A 18 -8.78 7.27 6.73
C THR A 18 -7.88 6.03 6.61
N TYR A 19 -6.80 6.01 7.38
CA TYR A 19 -5.95 4.79 7.39
C TYR A 19 -5.58 4.54 8.82
N ARG A 20 -5.33 3.27 9.15
CA ARG A 20 -4.87 2.88 10.51
C ARG A 20 -3.81 1.81 10.36
N ILE A 21 -2.72 1.92 11.10
CA ILE A 21 -1.75 0.80 11.22
C ILE A 21 -2.18 -0.02 12.42
N VAL A 22 -2.64 -1.21 12.13
N VAL A 22 -2.69 -1.22 12.17
CA VAL A 22 -3.36 -2.08 13.10
CA VAL A 22 -3.37 -2.06 13.19
C VAL A 22 -2.36 -3.01 13.78
C VAL A 22 -2.40 -3.08 13.76
N SER A 23 -1.22 -3.26 13.16
CA SER A 23 -0.26 -4.23 13.67
C SER A 23 1.09 -3.94 13.06
N TYR A 24 2.12 -4.07 13.90
CA TYR A 24 3.48 -3.59 13.60
C TYR A 24 4.39 -4.80 13.45
N THR A 25 5.62 -4.58 12.99
CA THR A 25 6.69 -5.60 12.88
C THR A 25 7.73 -5.34 13.96
N ARG A 26 8.28 -6.42 14.51
CA ARG A 26 9.42 -6.39 15.47
C ARG A 26 10.67 -5.82 14.77
N ASP A 27 10.70 -5.82 13.43
CA ASP A 27 11.88 -5.40 12.62
C ASP A 27 12.14 -3.91 12.76
N LEU A 28 11.14 -3.11 13.16
CA LEU A 28 11.15 -1.62 13.11
C LEU A 28 10.45 -1.02 14.31
N PRO A 29 10.86 0.20 14.73
CA PRO A 29 10.08 0.93 15.72
C PRO A 29 8.68 1.21 15.12
N HIS A 30 7.68 1.29 15.98
CA HIS A 30 6.31 1.62 15.52
C HIS A 30 6.29 2.96 14.78
N ILE A 31 7.00 3.96 15.30
CA ILE A 31 6.91 5.36 14.76
C ILE A 31 7.55 5.35 13.37
N THR A 32 8.51 4.48 13.13
CA THR A 32 9.17 4.36 11.81
C THR A 32 8.15 3.83 10.80
N VAL A 33 7.42 2.76 11.13
CA VAL A 33 6.35 2.25 10.24
C VAL A 33 5.33 3.37 10.00
N ASP A 34 4.96 4.13 11.02
CA ASP A 34 3.96 5.24 10.89
C ASP A 34 4.45 6.27 9.88
N ARG A 35 5.69 6.70 10.03
CA ARG A 35 6.25 7.78 9.17
C ARG A 35 6.38 7.28 7.73
N LEU A 36 6.85 6.06 7.54
CA LEU A 36 7.01 5.50 6.18
C LEU A 36 5.64 5.28 5.52
N VAL A 37 4.64 4.82 6.26
CA VAL A 37 3.29 4.71 5.67
C VAL A 37 2.83 6.12 5.25
N SER A 38 3.02 7.13 6.11
CA SER A 38 2.62 8.52 5.79
C SER A 38 3.34 8.95 4.51
N LYS A 39 4.64 8.64 4.41
CA LYS A 39 5.47 9.07 3.25
C LYS A 39 4.93 8.38 1.98
N ALA A 40 4.64 7.08 2.06
CA ALA A 40 4.08 6.31 0.94
C ALA A 40 2.77 6.95 0.49
N LEU A 41 1.85 7.18 1.43
CA LEU A 41 0.53 7.74 1.04
C LEU A 41 0.73 9.10 0.35
N ASN A 42 1.63 9.94 0.88
CA ASN A 42 1.82 11.33 0.35
C ASN A 42 2.44 11.28 -1.05
N MET A 43 3.21 10.25 -1.35
CA MET A 43 3.80 10.13 -2.71
C MET A 43 2.68 10.04 -3.74
N TRP A 44 1.59 9.32 -3.41
CA TRP A 44 0.39 9.24 -4.28
C TRP A 44 -0.46 10.51 -4.09
N GLY A 45 -0.66 10.92 -2.84
CA GLY A 45 -1.63 11.96 -2.49
C GLY A 45 -1.29 13.28 -3.11
N LYS A 46 0.00 13.60 -3.23
CA LYS A 46 0.48 14.91 -3.81
C LYS A 46 0.01 15.04 -5.28
N GLU A 47 -0.32 13.95 -5.99
CA GLU A 47 -0.70 13.96 -7.43
C GLU A 47 -2.20 14.16 -7.64
N ILE A 48 -3.02 13.92 -6.62
CA ILE A 48 -4.49 13.72 -6.79
C ILE A 48 -5.28 14.51 -5.74
N PRO A 49 -6.58 14.73 -6.00
CA PRO A 49 -7.43 15.38 -5.01
C PRO A 49 -7.95 14.33 -4.02
N LEU A 50 -7.05 13.93 -3.12
CA LEU A 50 -7.32 12.93 -2.06
C LEU A 50 -6.43 13.30 -0.87
N HIS A 51 -7.02 13.32 0.32
CA HIS A 51 -6.36 13.59 1.63
C HIS A 51 -6.43 12.33 2.47
N PHE A 52 -5.35 12.02 3.18
CA PHE A 52 -5.29 10.85 4.09
C PHE A 52 -5.34 11.36 5.54
N ARG A 53 -6.08 10.64 6.39
CA ARG A 53 -6.23 10.96 7.82
C ARG A 53 -5.90 9.68 8.61
N LYS A 54 -4.85 9.74 9.41
CA LYS A 54 -4.43 8.64 10.29
C LYS A 54 -5.41 8.57 11.47
N VAL A 55 -5.91 7.37 11.76
CA VAL A 55 -6.65 7.09 13.02
C VAL A 55 -5.89 5.99 13.78
N VAL A 56 -6.08 5.93 15.09
CA VAL A 56 -5.29 4.98 15.92
C VAL A 56 -6.19 3.91 16.55
N TRP A 57 -7.47 3.88 16.19
CA TRP A 57 -8.46 2.93 16.76
C TRP A 57 -9.53 2.67 15.71
N GLY A 58 -10.29 1.59 15.91
CA GLY A 58 -11.51 1.30 15.14
C GLY A 58 -11.17 0.92 13.73
N THR A 59 -12.14 1.00 12.84
CA THR A 59 -11.97 0.52 11.46
C THR A 59 -11.83 1.74 10.56
N ALA A 60 -10.61 2.02 10.09
CA ALA A 60 -10.32 2.98 9.01
C ALA A 60 -10.60 2.35 7.63
N ASP A 61 -10.68 3.20 6.61
CA ASP A 61 -10.87 2.75 5.21
C ASP A 61 -9.70 1.85 4.85
N ILE A 62 -8.48 2.33 5.03
CA ILE A 62 -7.29 1.53 4.68
C ILE A 62 -6.73 0.94 5.98
N MET A 63 -6.96 -0.35 6.24
CA MET A 63 -6.41 -1.06 7.41
C MET A 63 -5.07 -1.67 6.99
N ILE A 64 -3.99 -1.26 7.65
CA ILE A 64 -2.61 -1.66 7.30
C ILE A 64 -2.02 -2.49 8.42
N GLY A 65 -1.43 -3.62 8.11
CA GLY A 65 -0.75 -4.32 9.20
C GLY A 65 0.08 -5.47 8.74
N PHE A 66 0.88 -5.98 9.66
CA PHE A 66 1.76 -7.16 9.51
C PHE A 66 1.05 -8.35 10.11
N ALA A 67 1.21 -9.50 9.50
CA ALA A 67 0.55 -10.73 9.96
C ALA A 67 1.40 -11.93 9.57
N ARG A 68 1.43 -12.99 10.38
CA ARG A 68 1.90 -14.29 9.86
C ARG A 68 0.74 -15.22 9.53
N GLY A 69 0.90 -16.00 8.47
CA GLY A 69 -0.04 -17.06 8.09
C GLY A 69 -1.42 -16.50 7.80
N ALA A 70 -2.46 -17.19 8.29
CA ALA A 70 -3.86 -16.81 7.98
C ALA A 70 -4.24 -15.67 8.91
N HIS A 71 -4.95 -14.69 8.36
CA HIS A 71 -5.24 -13.47 9.09
C HIS A 71 -6.60 -12.90 8.69
N GLY A 72 -7.53 -13.77 8.26
CA GLY A 72 -8.96 -13.41 8.25
C GLY A 72 -9.46 -13.11 6.85
N ASP A 73 -8.58 -12.97 5.86
CA ASP A 73 -8.99 -12.89 4.43
C ASP A 73 -8.74 -14.29 3.78
N SER A 74 -9.06 -14.48 2.50
CA SER A 74 -8.89 -15.78 1.80
C SER A 74 -7.47 -15.90 1.25
N TYR A 75 -6.53 -15.05 1.70
CA TYR A 75 -5.15 -14.95 1.17
C TYR A 75 -4.14 -15.11 2.31
N PRO A 76 -4.08 -16.31 2.95
CA PRO A 76 -3.15 -16.47 4.05
C PRO A 76 -1.71 -16.29 3.54
N PHE A 77 -0.89 -15.71 4.39
CA PHE A 77 0.56 -15.65 4.15
C PHE A 77 1.14 -17.05 4.37
N ASP A 78 2.40 -17.18 3.96
CA ASP A 78 2.96 -18.49 3.53
C ASP A 78 4.35 -18.67 4.12
N GLY A 79 4.65 -17.97 5.19
CA GLY A 79 5.92 -18.02 5.93
C GLY A 79 7.02 -17.32 5.15
N PRO A 80 8.30 -17.61 5.48
CA PRO A 80 9.44 -16.94 4.83
C PRO A 80 9.48 -17.17 3.32
N GLY A 81 9.68 -16.08 2.59
CA GLY A 81 9.75 -16.11 1.12
C GLY A 81 8.40 -16.23 0.45
N ASN A 82 8.40 -16.56 -0.84
CA ASN A 82 7.17 -16.56 -1.69
C ASN A 82 6.48 -15.19 -1.52
N THR A 83 5.21 -15.17 -1.11
CA THR A 83 4.45 -13.89 -1.05
C THR A 83 5.00 -13.00 0.08
N LEU A 84 5.15 -11.71 -0.19
CA LEU A 84 5.71 -10.75 0.78
C LEU A 84 4.60 -9.90 1.40
N ALA A 85 3.51 -9.68 0.67
CA ALA A 85 2.53 -8.64 1.02
C ALA A 85 1.44 -8.73 -0.02
N HIS A 86 0.32 -8.08 0.28
CA HIS A 86 -0.79 -7.99 -0.70
C HIS A 86 -1.77 -6.90 -0.26
N ALA A 87 -2.63 -6.41 -1.14
CA ALA A 87 -3.51 -5.28 -0.83
C ALA A 87 -4.70 -5.33 -1.76
N PHE A 88 -5.77 -4.67 -1.33
CA PHE A 88 -7.07 -4.82 -1.99
C PHE A 88 -7.47 -3.50 -2.61
N ALA A 89 -8.10 -3.59 -3.76
CA ALA A 89 -8.75 -2.43 -4.41
C ALA A 89 -9.71 -1.68 -3.44
N PRO A 90 -9.93 -0.37 -3.65
CA PRO A 90 -10.85 0.45 -2.87
C PRO A 90 -12.23 -0.23 -2.81
N GLY A 91 -12.86 -0.17 -1.65
CA GLY A 91 -14.20 -0.69 -1.41
C GLY A 91 -14.42 -0.72 0.07
N THR A 92 -15.60 -1.15 0.50
CA THR A 92 -15.89 -1.28 1.94
C THR A 92 -15.14 -2.49 2.47
N GLY A 93 -15.05 -2.60 3.78
CA GLY A 93 -14.50 -3.81 4.45
C GLY A 93 -13.06 -4.05 4.04
N LEU A 94 -12.77 -5.25 3.53
CA LEU A 94 -11.41 -5.61 3.11
C LEU A 94 -10.91 -4.64 2.03
N GLY A 95 -11.77 -3.99 1.27
CA GLY A 95 -11.27 -3.08 0.22
C GLY A 95 -10.35 -2.05 0.80
N GLY A 96 -9.27 -1.76 0.09
CA GLY A 96 -8.25 -0.77 0.50
C GLY A 96 -7.21 -1.34 1.45
N ASP A 97 -7.45 -2.48 2.07
CA ASP A 97 -6.56 -2.92 3.17
C ASP A 97 -5.23 -3.42 2.60
N ALA A 98 -4.15 -3.34 3.39
CA ALA A 98 -2.79 -3.63 2.90
C ALA A 98 -2.11 -4.48 3.98
N HIS A 99 -1.64 -5.66 3.64
CA HIS A 99 -1.11 -6.67 4.58
C HIS A 99 0.33 -6.97 4.20
N PHE A 100 1.17 -7.14 5.21
CA PHE A 100 2.61 -7.41 5.03
C PHE A 100 2.93 -8.67 5.81
N ASP A 101 3.70 -9.57 5.19
CA ASP A 101 4.03 -10.88 5.81
C ASP A 101 5.13 -10.65 6.83
N GLU A 102 4.81 -10.93 8.09
CA GLU A 102 5.73 -10.81 9.24
C GLU A 102 6.90 -11.81 9.16
N ASP A 103 6.81 -12.81 8.31
CA ASP A 103 7.84 -13.87 8.19
C ASP A 103 8.94 -13.44 7.20
N GLU A 104 8.91 -12.20 6.70
CA GLU A 104 10.07 -11.59 5.97
C GLU A 104 10.83 -10.65 6.90
N ARG A 105 11.88 -10.00 6.37
CA ARG A 105 12.54 -8.92 7.11
C ARG A 105 12.34 -7.61 6.37
N TRP A 106 11.89 -6.61 7.13
CA TRP A 106 11.56 -5.26 6.61
C TRP A 106 12.56 -4.26 7.18
N THR A 107 13.00 -3.33 6.34
CA THR A 107 13.94 -2.25 6.77
C THR A 107 13.43 -0.86 6.38
N ASP A 108 13.89 0.11 7.17
CA ASP A 108 13.79 1.57 6.91
C ASP A 108 14.93 2.00 6.00
N GLY A 109 15.82 1.09 5.60
CA GLY A 109 16.95 1.40 4.72
C GLY A 109 18.28 1.29 5.45
N SER A 110 18.24 1.24 6.77
CA SER A 110 19.43 1.32 7.67
C SER A 110 19.90 -0.08 8.05
N SER A 111 19.14 -1.09 7.64
CA SER A 111 19.45 -2.49 7.98
C SER A 111 19.18 -3.36 6.75
N LEU A 112 19.30 -4.64 6.98
CA LEU A 112 18.97 -5.70 6.02
C LEU A 112 17.45 -5.81 5.97
N GLY A 113 16.89 -5.97 4.76
CA GLY A 113 15.46 -6.23 4.59
C GLY A 113 14.89 -5.72 3.29
N ILE A 114 13.65 -6.09 3.06
CA ILE A 114 12.81 -5.46 2.01
C ILE A 114 12.69 -3.99 2.38
N ASN A 115 12.81 -3.10 1.41
CA ASN A 115 12.58 -1.67 1.68
C ASN A 115 11.09 -1.42 1.93
N PHE A 116 10.74 -1.08 3.15
CA PHE A 116 9.32 -0.99 3.56
C PHE A 116 8.70 0.24 2.84
N LEU A 117 9.42 1.33 2.66
CA LEU A 117 8.82 2.49 1.95
C LEU A 117 8.43 2.05 0.54
N TYR A 118 9.36 1.45 -0.22
CA TYR A 118 9.03 0.98 -1.57
C TYR A 118 7.80 0.03 -1.50
N ALA A 119 7.86 -0.97 -0.63
CA ALA A 119 6.81 -2.00 -0.55
C ALA A 119 5.46 -1.35 -0.18
N ALA A 120 5.48 -0.45 0.78
CA ALA A 120 4.23 0.21 1.24
C ALA A 120 3.73 1.12 0.10
N THR A 121 4.63 1.75 -0.67
CA THR A 121 4.13 2.58 -1.80
C THR A 121 3.45 1.67 -2.84
N HIS A 122 4.01 0.50 -3.12
CA HIS A 122 3.40 -0.47 -4.07
C HIS A 122 2.02 -0.88 -3.55
N GLN A 123 1.99 -1.42 -2.33
CA GLN A 123 0.74 -1.96 -1.75
C GLN A 123 -0.32 -0.88 -1.70
N LEU A 124 0.06 0.31 -1.22
CA LEU A 124 -0.90 1.42 -1.06
C LEU A 124 -1.31 1.93 -2.44
N GLY A 125 -0.51 1.70 -3.49
CA GLY A 125 -1.02 1.92 -4.85
C GLY A 125 -2.24 1.04 -5.13
N HIS A 126 -2.17 -0.23 -4.81
CA HIS A 126 -3.34 -1.13 -4.99
C HIS A 126 -4.48 -0.69 -4.06
N SER A 127 -4.16 -0.25 -2.85
CA SER A 127 -5.16 0.30 -1.88
C SER A 127 -5.91 1.51 -2.46
N LEU A 128 -5.32 2.23 -3.41
CA LEU A 128 -5.98 3.41 -4.04
C LEU A 128 -6.61 3.04 -5.38
N GLY A 129 -6.34 1.87 -5.92
CA GLY A 129 -7.00 1.42 -7.15
C GLY A 129 -6.07 1.26 -8.31
N MET A 130 -4.76 1.21 -8.07
CA MET A 130 -3.79 0.92 -9.16
C MET A 130 -3.63 -0.57 -9.27
N GLY A 131 -3.70 -1.12 -10.48
CA GLY A 131 -3.20 -2.47 -10.79
C GLY A 131 -1.71 -2.44 -11.11
N HIS A 132 -1.23 -3.51 -11.73
CA HIS A 132 0.19 -3.63 -12.12
C HIS A 132 0.45 -2.97 -13.47
N SER A 133 1.65 -2.45 -13.59
CA SER A 133 2.13 -1.77 -14.81
C SER A 133 2.97 -2.72 -15.67
N SER A 134 2.95 -2.56 -17.00
CA SER A 134 3.91 -3.23 -17.92
C SER A 134 5.22 -2.43 -17.99
N ASP A 135 5.28 -1.23 -17.40
CA ASP A 135 6.45 -0.33 -17.47
C ASP A 135 7.42 -0.72 -16.35
N PRO A 136 8.62 -1.30 -16.65
CA PRO A 136 9.54 -1.70 -15.58
C PRO A 136 9.98 -0.58 -14.65
N ASN A 137 9.81 0.68 -15.02
CA ASN A 137 10.24 1.84 -14.19
C ASN A 137 9.17 2.14 -13.13
N ALA A 138 7.98 1.57 -13.27
CA ALA A 138 6.82 1.91 -12.41
C ALA A 138 6.97 1.21 -11.05
N VAL A 139 6.67 1.95 -10.00
CA VAL A 139 6.50 1.34 -8.65
C VAL A 139 5.43 0.21 -8.73
N MET A 140 4.42 0.28 -9.60
CA MET A 140 3.36 -0.74 -9.73
C MET A 140 3.75 -1.86 -10.68
N TYR A 141 5.01 -1.92 -11.12
CA TYR A 141 5.50 -3.10 -11.87
C TYR A 141 5.28 -4.30 -10.95
N PRO A 142 4.92 -5.49 -11.44
CA PRO A 142 4.52 -6.58 -10.54
C PRO A 142 5.61 -7.20 -9.66
N THR A 143 6.87 -6.90 -9.92
CA THR A 143 7.97 -7.55 -9.17
C THR A 143 8.75 -6.52 -8.37
N TYR A 144 9.31 -6.95 -7.24
CA TYR A 144 10.27 -6.13 -6.46
C TYR A 144 11.63 -6.21 -7.17
N ASN A 151 15.83 4.37 -2.50
CA ASN A 151 15.81 5.79 -2.92
C ASN A 151 15.06 5.90 -4.27
N PHE A 152 13.81 6.40 -4.30
CA PHE A 152 12.96 6.28 -5.52
C PHE A 152 11.85 7.35 -5.56
N LYS A 153 11.12 7.40 -6.66
CA LYS A 153 9.97 8.32 -6.84
C LYS A 153 8.91 7.56 -7.66
N LEU A 154 7.67 8.05 -7.70
CA LEU A 154 6.67 7.54 -8.67
C LEU A 154 7.20 7.77 -10.09
N SER A 155 6.97 6.82 -10.99
CA SER A 155 7.31 6.96 -12.42
C SER A 155 6.23 7.81 -13.09
N GLN A 156 6.50 8.28 -14.31
CA GLN A 156 5.49 9.03 -15.08
C GLN A 156 4.27 8.13 -15.29
N ASP A 157 4.48 6.83 -15.47
CA ASP A 157 3.37 5.85 -15.66
C ASP A 157 2.50 5.77 -14.39
N ASP A 158 3.13 5.73 -13.20
CA ASP A 158 2.40 5.70 -11.92
C ASP A 158 1.51 6.93 -11.80
N ILE A 159 2.09 8.09 -12.11
CA ILE A 159 1.40 9.39 -11.96
C ILE A 159 0.27 9.47 -13.00
N LYS A 160 0.51 9.01 -14.24
CA LYS A 160 -0.51 9.05 -15.31
C LYS A 160 -1.69 8.19 -14.84
N GLY A 161 -1.40 7.02 -14.25
CA GLY A 161 -2.46 6.07 -13.85
C GLY A 161 -3.31 6.63 -12.73
N ILE A 162 -2.67 7.17 -11.71
CA ILE A 162 -3.40 7.59 -10.47
C ILE A 162 -4.22 8.82 -10.84
N GLN A 163 -3.70 9.66 -11.72
CA GLN A 163 -4.42 10.89 -12.12
C GLN A 163 -5.56 10.51 -13.06
N LYS A 164 -5.45 9.41 -13.80
CA LYS A 164 -6.55 8.93 -14.66
C LYS A 164 -7.73 8.52 -13.79
N LEU A 165 -7.47 7.92 -12.63
CA LEU A 165 -8.52 7.39 -11.74
C LEU A 165 -9.10 8.53 -10.89
N TYR A 166 -8.31 9.47 -10.38
CA TYR A 166 -8.79 10.50 -9.42
C TYR A 166 -8.81 11.92 -10.00
N GLY A 167 -8.23 12.13 -11.17
CA GLY A 167 -7.93 13.50 -11.68
C GLY A 167 -6.69 14.09 -11.02
N LYS A 168 -6.25 15.26 -11.47
CA LYS A 168 -5.03 15.97 -10.98
C LYS A 168 -5.39 16.86 -9.79
N ARG A 169 -4.47 16.97 -8.82
CA ARG A 169 -4.56 17.98 -7.74
C ARG A 169 -4.29 19.34 -8.37
N GLY B 3 -2.35 -7.61 -5.98
N GLY B 3 -2.35 -7.72 -6.02
CA GLY B 3 -3.35 -6.55 -5.87
CA GLY B 3 -3.07 -6.48 -5.85
C GLY B 3 -4.66 -7.20 -6.21
C GLY B 3 -4.58 -6.45 -5.70
#